data_3LHQ
#
_entry.id   3LHQ
#
_cell.length_a   47.180
_cell.length_b   75.820
_cell.length_c   55.176
_cell.angle_alpha   90.000
_cell.angle_beta   108.670
_cell.angle_gamma   90.000
#
_symmetry.space_group_name_H-M   'P 1 21 1'
#
loop_
_entity.id
_entity.type
_entity.pdbx_description
1 polymer 'AcrAB operon repressor (TetR/AcrR family)'
2 non-polymer DI(HYDROXYETHYL)ETHER
3 non-polymer 1,2-ETHANEDIOL
4 water water
#
_entity_poly.entity_id   1
_entity_poly.type   'polypeptide(L)'
_entity_poly.pdbx_seq_one_letter_code
;SNAMARKTKQQALETRQHILDVALRLFSQQGVSATSLAEIANAAGVTRGAIYWHFKNKSDLFSEIWELSESNIGELEIEY
QAKFPDDPLSVLREILVHILEATVTEERRRLLMEIIFHKCEFVGEMVVVQQAQRSLCLESYDRIEQTLKHCINAKMLPEN
LLTRRAAILMRSFISGLMENWLFAPQSFDLKKEARAYVTILLEMYQLCPTLRASTVNGSP
;
_entity_poly.pdbx_strand_id   A,B
#
loop_
_chem_comp.id
_chem_comp.type
_chem_comp.name
_chem_comp.formula
EDO non-polymer 1,2-ETHANEDIOL 'C2 H6 O2'
PEG non-polymer DI(HYDROXYETHYL)ETHER 'C4 H10 O3'
#
# COMPACT_ATOMS: atom_id res chain seq x y z
N ALA A 3 -30.95 11.56 34.32
CA ALA A 3 -29.58 11.05 34.70
C ALA A 3 -29.29 9.63 34.22
N MET A 4 -29.99 8.64 34.77
CA MET A 4 -29.85 7.25 34.33
C MET A 4 -30.39 6.95 32.90
N ALA A 5 -31.51 7.57 32.50
CA ALA A 5 -31.98 7.50 31.12
C ALA A 5 -30.93 8.00 30.12
N ARG A 6 -30.36 9.16 30.41
CA ARG A 6 -29.38 9.74 29.56
C ARG A 6 -28.14 8.87 29.54
N LYS A 7 -27.78 8.32 30.70
CA LYS A 7 -26.61 7.44 30.75
C LYS A 7 -26.80 6.22 29.85
N THR A 8 -27.97 5.60 29.95
CA THR A 8 -28.29 4.42 29.17
C THR A 8 -28.14 4.69 27.69
N LYS A 9 -28.61 5.86 27.25
CA LYS A 9 -28.51 6.19 25.85
C LYS A 9 -27.06 6.43 25.41
N GLN A 10 -26.33 7.21 26.21
CA GLN A 10 -24.90 7.45 25.98
C GLN A 10 -24.15 6.17 25.78
N GLN A 11 -24.47 5.16 26.58
CA GLN A 11 -23.73 3.89 26.58
C GLN A 11 -24.20 2.85 25.59
N ALA A 12 -25.26 3.17 24.86
CA ALA A 12 -25.88 2.22 23.94
C ALA A 12 -25.00 1.82 22.77
N LEU A 13 -25.29 0.64 22.25
CA LEU A 13 -24.60 0.11 21.08
C LEU A 13 -24.77 1.07 19.87
N GLU A 14 -25.96 1.66 19.71
CA GLU A 14 -26.24 2.54 18.53
C GLU A 14 -25.35 3.79 18.64
N THR A 15 -25.20 4.29 19.85
CA THR A 15 -24.32 5.47 20.07
C THR A 15 -22.89 5.10 19.75
N ARG A 16 -22.46 3.95 20.25
CA ARG A 16 -21.14 3.45 19.94
C ARG A 16 -20.92 3.37 18.43
N GLN A 17 -21.88 2.82 17.71
CA GLN A 17 -21.77 2.68 16.26
CA GLN A 17 -21.72 2.68 16.27
C GLN A 17 -21.61 4.05 15.61
N HIS A 18 -22.41 5.00 16.07
CA HIS A 18 -22.36 6.34 15.49
C HIS A 18 -20.98 6.97 15.73
N ILE A 19 -20.43 6.81 16.95
CA ILE A 19 -19.11 7.34 17.26
C ILE A 19 -18.07 6.76 16.27
N LEU A 20 -18.13 5.45 16.06
CA LEU A 20 -17.18 4.79 15.18
C LEU A 20 -17.29 5.31 13.74
N ASP A 21 -18.52 5.45 13.23
CA ASP A 21 -18.75 5.94 11.87
C ASP A 21 -18.32 7.40 11.71
N VAL A 22 -18.63 8.22 12.69
CA VAL A 22 -18.15 9.62 12.67
C VAL A 22 -16.62 9.71 12.77
N ALA A 23 -15.99 8.88 13.60
CA ALA A 23 -14.54 8.79 13.60
C ALA A 23 -13.94 8.44 12.26
N LEU A 24 -14.50 7.44 11.59
CA LEU A 24 -13.99 7.12 10.27
C LEU A 24 -14.01 8.30 9.36
N ARG A 25 -15.13 9.01 9.35
CA ARG A 25 -15.24 10.21 8.53
CA ARG A 25 -15.25 10.21 8.52
C ARG A 25 -14.24 11.29 8.87
N LEU A 26 -14.06 11.59 10.15
CA LEU A 26 -13.09 12.61 10.57
C LEU A 26 -11.66 12.18 10.30
N PHE A 27 -11.33 10.93 10.63
CA PHE A 27 -10.01 10.41 10.32
C PHE A 27 -9.68 10.45 8.84
N SER A 28 -10.65 10.11 7.97
CA SER A 28 -10.38 10.10 6.53
CA SER A 28 -10.36 10.10 6.53
C SER A 28 -10.17 11.52 5.98
N GLN A 29 -10.79 12.51 6.63
CA GLN A 29 -10.68 13.91 6.17
C GLN A 29 -9.44 14.61 6.71
N GLN A 30 -9.14 14.42 7.99
CA GLN A 30 -8.04 15.22 8.59
C GLN A 30 -6.89 14.41 9.14
N GLY A 31 -6.95 13.08 9.03
CA GLY A 31 -5.87 12.23 9.53
C GLY A 31 -6.08 11.87 10.99
N VAL A 32 -5.53 10.73 11.40
CA VAL A 32 -5.63 10.27 12.77
C VAL A 32 -4.85 11.21 13.74
N SER A 33 -3.66 11.68 13.36
CA SER A 33 -2.83 12.43 14.26
C SER A 33 -3.51 13.74 14.75
N ALA A 34 -4.13 14.45 13.84
CA ALA A 34 -4.84 15.71 14.15
C ALA A 34 -6.21 15.58 14.81
N THR A 35 -6.71 14.36 14.89
CA THR A 35 -8.08 14.13 15.37
C THR A 35 -8.08 13.65 16.78
N SER A 36 -8.73 14.37 17.68
CA SER A 36 -8.87 13.89 19.06
C SER A 36 -10.22 13.20 19.37
N LEU A 37 -10.20 12.40 20.43
CA LEU A 37 -11.43 11.88 20.96
C LEU A 37 -12.46 12.96 21.25
N ALA A 38 -12.05 14.08 21.80
CA ALA A 38 -12.99 15.17 22.06
C ALA A 38 -13.67 15.67 20.79
N GLU A 39 -12.89 15.82 19.70
CA GLU A 39 -13.40 16.22 18.41
CA GLU A 39 -13.49 16.27 18.44
C GLU A 39 -14.43 15.23 17.87
N ILE A 40 -14.09 13.97 17.99
CA ILE A 40 -14.97 12.89 17.52
C ILE A 40 -16.28 12.98 18.32
N ALA A 41 -16.18 13.18 19.63
CA ALA A 41 -17.37 13.23 20.48
C ALA A 41 -18.28 14.39 20.04
N ASN A 42 -17.69 15.56 19.89
CA ASN A 42 -18.44 16.76 19.47
C ASN A 42 -19.12 16.46 18.13
N ALA A 43 -18.40 15.84 17.19
CA ALA A 43 -18.98 15.56 15.86
C ALA A 43 -20.08 14.51 15.92
N ALA A 44 -19.95 13.58 16.89
CA ALA A 44 -20.91 12.53 17.07
C ALA A 44 -22.12 12.96 17.91
N GLY A 45 -22.11 14.19 18.46
CA GLY A 45 -23.16 14.67 19.32
C GLY A 45 -23.23 13.98 20.67
N VAL A 46 -22.08 13.56 21.18
CA VAL A 46 -22.02 12.97 22.51
C VAL A 46 -21.02 13.71 23.35
N THR A 47 -21.11 13.48 24.64
CA THR A 47 -20.26 14.19 25.55
C THR A 47 -18.85 13.58 25.58
N ARG A 48 -17.91 14.37 26.07
CA ARG A 48 -16.57 13.86 26.29
C ARG A 48 -16.64 12.69 27.30
N GLY A 49 -17.44 12.80 28.34
CA GLY A 49 -17.54 11.70 29.26
C GLY A 49 -17.99 10.42 28.59
N ALA A 50 -19.00 10.49 27.71
CA ALA A 50 -19.48 9.34 27.01
C ALA A 50 -18.38 8.69 26.14
N ILE A 51 -17.63 9.46 25.37
CA ILE A 51 -16.65 8.83 24.47
C ILE A 51 -15.54 8.12 25.23
N TYR A 52 -15.14 8.70 26.39
CA TYR A 52 -14.06 8.14 27.17
C TYR A 52 -14.56 6.96 28.00
N TRP A 53 -15.86 6.85 28.21
CA TRP A 53 -16.39 5.57 28.70
C TRP A 53 -16.33 4.49 27.64
N HIS A 54 -16.73 4.83 26.43
CA HIS A 54 -16.71 3.88 25.33
C HIS A 54 -15.31 3.41 24.96
N PHE A 55 -14.33 4.29 24.99
CA PHE A 55 -12.99 4.02 24.41
C PHE A 55 -11.87 4.55 25.26
N LYS A 56 -10.80 3.78 25.34
CA LYS A 56 -9.67 4.20 26.14
C LYS A 56 -8.91 5.34 25.45
N ASN A 57 -8.82 5.26 24.11
CA ASN A 57 -8.02 6.19 23.31
C ASN A 57 -8.35 6.00 21.83
N LYS A 58 -7.79 6.84 20.97
CA LYS A 58 -8.20 6.80 19.58
C LYS A 58 -7.65 5.60 18.84
N SER A 59 -6.53 5.08 19.32
CA SER A 59 -5.93 3.86 18.73
C SER A 59 -6.80 2.65 18.93
N ASP A 60 -7.41 2.55 20.09
CA ASP A 60 -8.28 1.46 20.45
C ASP A 60 -9.61 1.57 19.68
N LEU A 61 -10.05 2.79 19.50
CA LEU A 61 -11.22 3.06 18.68
C LEU A 61 -10.92 2.59 17.28
N PHE A 62 -9.80 3.00 16.74
CA PHE A 62 -9.51 2.64 15.34
C PHE A 62 -9.34 1.12 15.18
N SER A 63 -8.69 0.49 16.15
CA SER A 63 -8.52 -0.97 16.14
C SER A 63 -9.81 -1.70 16.09
N GLU A 64 -10.78 -1.21 16.88
CA GLU A 64 -12.08 -1.79 16.88
C GLU A 64 -12.76 -1.81 15.49
N ILE A 65 -12.71 -0.71 14.77
CA ILE A 65 -13.27 -0.65 13.44
C ILE A 65 -12.54 -1.67 12.57
N TRP A 66 -11.22 -1.68 12.66
CA TRP A 66 -10.41 -2.51 11.78
C TRP A 66 -10.73 -3.98 12.03
N GLU A 67 -10.83 -4.35 13.31
CA GLU A 67 -11.15 -5.71 13.70
C GLU A 67 -12.59 -6.07 13.35
N LEU A 68 -13.53 -5.15 13.50
CA LEU A 68 -14.92 -5.49 13.04
C LEU A 68 -15.04 -5.79 11.54
N SER A 69 -14.25 -5.09 10.73
CA SER A 69 -14.19 -5.30 9.29
C SER A 69 -13.64 -6.68 8.92
N GLU A 70 -12.58 -7.04 9.61
CA GLU A 70 -11.98 -8.34 9.49
C GLU A 70 -12.97 -9.43 9.90
N SER A 71 -13.73 -9.20 10.94
CA SER A 71 -14.77 -10.17 11.35
C SER A 71 -15.96 -10.29 10.37
N ASN A 72 -16.28 -9.20 9.69
CA ASN A 72 -17.33 -9.22 8.66
C ASN A 72 -16.90 -10.13 7.51
N ILE A 73 -15.59 -10.08 7.18
CA ILE A 73 -15.00 -10.86 6.05
C ILE A 73 -15.11 -12.33 6.36
N GLY A 74 -14.81 -12.69 7.63
CA GLY A 74 -14.87 -14.06 8.12
C GLY A 74 -16.28 -14.59 8.00
N GLU A 75 -17.26 -13.74 8.33
CA GLU A 75 -18.68 -14.10 8.27
CA GLU A 75 -18.66 -14.14 8.29
C GLU A 75 -19.10 -14.40 6.85
N LEU A 76 -18.68 -13.55 5.91
CA LEU A 76 -18.99 -13.78 4.51
C LEU A 76 -18.37 -15.06 3.94
N GLU A 77 -17.16 -15.39 4.38
CA GLU A 77 -16.51 -16.65 3.98
C GLU A 77 -17.32 -17.85 4.38
N ILE A 78 -17.79 -17.86 5.65
CA ILE A 78 -18.63 -18.95 6.18
C ILE A 78 -19.87 -19.05 5.28
N GLU A 79 -20.41 -17.91 4.89
CA GLU A 79 -21.59 -17.82 4.02
CA GLU A 79 -21.59 -17.89 4.05
C GLU A 79 -21.32 -18.40 2.65
N TYR A 80 -20.25 -17.91 2.01
CA TYR A 80 -19.96 -18.34 0.65
CA TYR A 80 -19.90 -18.34 0.64
C TYR A 80 -19.59 -19.82 0.60
N GLN A 81 -18.98 -20.34 1.67
CA GLN A 81 -18.67 -21.79 1.78
C GLN A 81 -19.94 -22.64 1.72
N ALA A 82 -20.96 -22.21 2.44
CA ALA A 82 -22.24 -22.92 2.47
C ALA A 82 -22.99 -22.74 1.15
N LYS A 83 -22.74 -21.62 0.48
CA LYS A 83 -23.25 -21.37 -0.88
C LYS A 83 -22.61 -22.21 -2.03
N PHE A 84 -21.27 -22.31 -2.02
CA PHE A 84 -20.55 -23.06 -3.04
C PHE A 84 -19.76 -24.20 -2.37
N PRO A 85 -20.42 -25.17 -1.72
CA PRO A 85 -19.64 -26.16 -0.97
C PRO A 85 -18.89 -27.16 -1.85
N ASP A 86 -19.24 -27.19 -3.13
CA ASP A 86 -18.54 -28.08 -4.04
C ASP A 86 -17.49 -27.34 -4.86
N ASP A 87 -17.26 -26.05 -4.57
CA ASP A 87 -16.38 -25.21 -5.45
C ASP A 87 -15.59 -24.15 -4.68
N PRO A 88 -14.52 -24.59 -4.02
CA PRO A 88 -13.77 -23.69 -3.18
C PRO A 88 -13.09 -22.60 -3.95
N LEU A 89 -12.81 -22.85 -5.23
CA LEU A 89 -12.17 -21.82 -6.02
C LEU A 89 -13.17 -20.65 -6.30
N SER A 90 -14.45 -20.98 -6.46
CA SER A 90 -15.51 -19.91 -6.57
C SER A 90 -15.76 -19.18 -5.23
N VAL A 91 -15.66 -19.90 -4.14
CA VAL A 91 -15.70 -19.28 -2.82
C VAL A 91 -14.62 -18.18 -2.77
N LEU A 92 -13.41 -18.59 -3.06
CA LEU A 92 -12.28 -17.68 -3.01
C LEU A 92 -12.47 -16.50 -4.00
N ARG A 93 -12.90 -16.83 -5.21
CA ARG A 93 -13.15 -15.78 -6.24
C ARG A 93 -14.12 -14.75 -5.70
N GLU A 94 -15.28 -15.20 -5.21
CA GLU A 94 -16.30 -14.23 -4.82
C GLU A 94 -15.87 -13.41 -3.60
N ILE A 95 -15.21 -14.04 -2.61
CA ILE A 95 -14.73 -13.26 -1.47
C ILE A 95 -13.80 -12.12 -1.95
N LEU A 96 -12.87 -12.46 -2.84
CA LEU A 96 -11.91 -11.49 -3.30
C LEU A 96 -12.57 -10.41 -4.12
N VAL A 97 -13.51 -10.76 -4.98
CA VAL A 97 -14.18 -9.74 -5.77
C VAL A 97 -14.99 -8.83 -4.86
N HIS A 98 -15.59 -9.36 -3.79
CA HIS A 98 -16.40 -8.61 -2.87
C HIS A 98 -15.51 -7.62 -2.15
N ILE A 99 -14.33 -8.07 -1.69
CA ILE A 99 -13.40 -7.14 -1.01
C ILE A 99 -13.04 -6.00 -1.91
N LEU A 100 -12.67 -6.28 -3.16
CA LEU A 100 -12.29 -5.21 -4.06
C LEU A 100 -13.43 -4.27 -4.39
N GLU A 101 -14.60 -4.81 -4.72
CA GLU A 101 -15.71 -3.93 -5.09
C GLU A 101 -16.15 -3.10 -3.88
N ALA A 102 -16.14 -3.67 -2.69
CA ALA A 102 -16.60 -2.98 -1.46
C ALA A 102 -15.65 -1.85 -1.07
N THR A 103 -14.37 -1.95 -1.48
CA THR A 103 -13.46 -0.87 -1.28
C THR A 103 -13.90 0.43 -1.97
N VAL A 104 -14.58 0.27 -3.10
CA VAL A 104 -15.18 1.36 -3.80
C VAL A 104 -16.55 1.72 -3.23
N THR A 105 -17.41 0.72 -3.08
CA THR A 105 -18.86 0.97 -2.94
C THR A 105 -19.34 1.13 -1.53
N GLU A 106 -18.68 0.48 -0.55
CA GLU A 106 -19.15 0.48 0.85
CA GLU A 106 -19.14 0.46 0.84
C GLU A 106 -18.43 1.56 1.64
N GLU A 107 -19.19 2.45 2.27
CA GLU A 107 -18.52 3.57 2.99
C GLU A 107 -17.52 3.10 4.09
N ARG A 108 -17.94 2.17 4.92
CA ARG A 108 -17.12 1.72 6.03
C ARG A 108 -15.80 1.13 5.54
N ARG A 109 -15.86 0.22 4.56
CA ARG A 109 -14.62 -0.38 4.03
CA ARG A 109 -14.64 -0.37 4.02
C ARG A 109 -13.78 0.68 3.31
N ARG A 110 -14.40 1.53 2.47
N ARG A 110 -14.40 1.53 2.47
CA ARG A 110 -13.65 2.50 1.72
CA ARG A 110 -13.64 2.50 1.72
C ARG A 110 -12.88 3.42 2.67
C ARG A 110 -12.88 3.42 2.67
N LEU A 111 -13.56 3.95 3.67
CA LEU A 111 -12.93 4.87 4.59
C LEU A 111 -11.86 4.14 5.46
N LEU A 112 -12.18 2.95 5.95
CA LEU A 112 -11.23 2.20 6.77
C LEU A 112 -9.93 1.99 5.97
N MET A 113 -10.06 1.54 4.75
CA MET A 113 -8.88 1.27 3.92
C MET A 113 -8.15 2.55 3.64
N GLU A 114 -8.88 3.62 3.31
CA GLU A 114 -8.22 4.91 3.07
C GLU A 114 -7.39 5.34 4.23
N ILE A 115 -7.87 5.15 5.43
CA ILE A 115 -7.17 5.56 6.63
C ILE A 115 -5.94 4.64 6.85
N ILE A 116 -6.14 3.29 6.78
CA ILE A 116 -5.04 2.33 6.92
C ILE A 116 -3.89 2.72 6.01
N PHE A 117 -4.21 3.03 4.77
CA PHE A 117 -3.16 3.31 3.79
C PHE A 117 -2.63 4.73 3.79
N HIS A 118 -3.50 5.73 3.96
CA HIS A 118 -3.14 7.10 3.65
C HIS A 118 -3.39 8.13 4.74
N LYS A 119 -4.05 7.74 5.84
CA LYS A 119 -4.45 8.75 6.82
C LYS A 119 -4.05 8.42 8.24
N CYS A 120 -3.09 7.49 8.44
N CYS A 120 -3.04 7.61 8.42
CA CYS A 120 -2.67 7.00 9.81
CA CYS A 120 -2.53 7.49 9.74
C CYS A 120 -1.17 6.64 9.89
C CYS A 120 -1.06 7.25 9.59
N GLU A 121 -0.40 7.34 10.73
CA GLU A 121 1.01 7.03 10.90
C GLU A 121 1.08 5.95 12.00
N PHE A 122 1.80 4.87 11.73
CA PHE A 122 1.91 3.79 12.64
C PHE A 122 3.04 4.09 13.64
N VAL A 123 2.77 5.06 14.50
CA VAL A 123 3.73 5.56 15.52
C VAL A 123 2.94 5.86 16.82
N GLY A 124 3.65 5.98 17.94
CA GLY A 124 3.01 6.26 19.22
C GLY A 124 2.04 5.14 19.57
N GLU A 125 0.83 5.48 19.99
CA GLU A 125 -0.14 4.50 20.39
C GLU A 125 -0.59 3.63 19.18
N MET A 126 -0.35 4.09 17.94
CA MET A 126 -0.65 3.29 16.75
CA MET A 126 -0.71 3.28 16.79
C MET A 126 0.30 2.15 16.51
N VAL A 127 1.43 2.16 17.19
CA VAL A 127 2.38 1.02 17.05
C VAL A 127 1.72 -0.26 17.55
N VAL A 128 0.96 -0.15 18.64
CA VAL A 128 0.30 -1.35 19.16
C VAL A 128 -0.74 -1.90 18.16
N VAL A 129 -1.43 -1.00 17.46
CA VAL A 129 -2.32 -1.37 16.37
C VAL A 129 -1.55 -2.05 15.22
N GLN A 130 -0.39 -1.54 14.84
CA GLN A 130 0.39 -2.18 13.79
C GLN A 130 0.89 -3.58 14.23
N GLN A 131 1.35 -3.67 15.47
CA GLN A 131 1.83 -4.97 15.95
C GLN A 131 0.72 -6.01 15.93
N ALA A 132 -0.47 -5.62 16.34
CA ALA A 132 -1.61 -6.56 16.30
C ALA A 132 -1.97 -6.97 14.87
N GLN A 133 -1.94 -6.01 13.96
CA GLN A 133 -2.35 -6.32 12.59
C GLN A 133 -1.28 -7.12 11.84
N ARG A 134 -0.03 -6.95 12.27
CA ARG A 134 1.13 -7.74 11.80
C ARG A 134 0.84 -9.22 12.11
N SER A 135 0.43 -9.50 13.34
CA SER A 135 0.07 -10.89 13.71
C SER A 135 -1.11 -11.41 12.88
N LEU A 136 -2.11 -10.57 12.68
CA LEU A 136 -3.25 -10.94 11.85
C LEU A 136 -2.86 -11.17 10.39
N CYS A 137 -1.88 -10.43 9.89
CA CYS A 137 -1.35 -10.69 8.54
CA CYS A 137 -1.38 -10.70 8.55
C CYS A 137 -0.82 -12.12 8.44
N LEU A 138 0.01 -12.51 9.38
CA LEU A 138 0.59 -13.86 9.37
C LEU A 138 -0.50 -14.94 9.42
N GLU A 139 -1.51 -14.68 10.25
CA GLU A 139 -2.65 -15.58 10.37
C GLU A 139 -3.37 -15.69 9.00
N SER A 140 -3.53 -14.53 8.37
CA SER A 140 -4.13 -14.46 7.09
C SER A 140 -3.39 -15.33 6.06
N TYR A 141 -2.07 -15.25 6.04
CA TYR A 141 -1.28 -16.06 5.09
C TYR A 141 -1.54 -17.56 5.32
N ASP A 142 -1.50 -18.00 6.58
CA ASP A 142 -1.85 -19.39 6.89
C ASP A 142 -3.26 -19.77 6.43
N ARG A 143 -4.22 -18.86 6.63
CA ARG A 143 -5.62 -19.14 6.20
C ARG A 143 -5.75 -19.19 4.68
N ILE A 144 -5.02 -18.31 4.02
CA ILE A 144 -5.01 -18.29 2.58
C ILE A 144 -4.36 -19.58 2.06
N GLU A 145 -3.22 -19.98 2.63
CA GLU A 145 -2.63 -21.30 2.26
C GLU A 145 -3.62 -22.46 2.40
N GLN A 146 -4.34 -22.49 3.50
CA GLN A 146 -5.37 -23.49 3.76
C GLN A 146 -6.40 -23.47 2.64
N THR A 147 -6.85 -22.30 2.25
CA THR A 147 -7.90 -22.18 1.20
C THR A 147 -7.36 -22.77 -0.13
N LEU A 148 -6.14 -22.38 -0.48
CA LEU A 148 -5.47 -22.89 -1.65
C LEU A 148 -5.32 -24.40 -1.62
N LYS A 149 -4.94 -24.94 -0.47
CA LYS A 149 -4.90 -26.37 -0.32
C LYS A 149 -6.28 -27.04 -0.46
N HIS A 150 -7.36 -26.42 0.04
CA HIS A 150 -8.72 -26.94 -0.17
C HIS A 150 -8.93 -27.07 -1.70
N CYS A 151 -8.52 -26.04 -2.43
CA CYS A 151 -8.71 -26.03 -3.87
C CYS A 151 -7.88 -27.11 -4.51
N ILE A 152 -6.63 -27.29 -4.07
CA ILE A 152 -5.78 -28.39 -4.57
C ILE A 152 -6.43 -29.76 -4.32
N ASN A 153 -7.00 -29.94 -3.14
CA ASN A 153 -7.63 -31.23 -2.79
C ASN A 153 -8.87 -31.49 -3.63
N ALA A 154 -9.59 -30.41 -4.02
CA ALA A 154 -10.70 -30.51 -4.96
C ALA A 154 -10.24 -30.61 -6.42
N LYS A 155 -8.92 -30.66 -6.67
CA LYS A 155 -8.33 -30.81 -7.99
C LYS A 155 -8.44 -29.57 -8.86
N MET A 156 -8.72 -28.44 -8.22
CA MET A 156 -9.06 -27.23 -8.95
C MET A 156 -7.86 -26.28 -9.13
N LEU A 157 -6.78 -26.56 -8.44
CA LEU A 157 -5.48 -25.84 -8.61
C LEU A 157 -4.37 -26.90 -8.71
N PRO A 158 -3.22 -26.52 -9.32
CA PRO A 158 -2.12 -27.46 -9.51
C PRO A 158 -1.65 -28.15 -8.23
N GLU A 159 -1.45 -29.47 -8.30
CA GLU A 159 -1.05 -30.22 -7.16
C GLU A 159 0.31 -29.76 -6.56
N ASN A 160 1.15 -29.15 -7.41
CA ASN A 160 2.46 -28.70 -7.04
C ASN A 160 2.53 -27.20 -6.90
N LEU A 161 1.37 -26.56 -6.73
CA LEU A 161 1.38 -25.12 -6.41
C LEU A 161 2.25 -24.79 -5.19
N LEU A 162 3.08 -23.75 -5.33
CA LEU A 162 3.81 -23.19 -4.20
C LEU A 162 2.84 -22.32 -3.37
N THR A 163 2.19 -22.92 -2.37
CA THR A 163 1.07 -22.29 -1.72
C THR A 163 1.48 -21.06 -0.91
N ARG A 164 2.69 -21.02 -0.30
CA ARG A 164 3.01 -19.85 0.51
C ARG A 164 3.33 -18.68 -0.38
N ARG A 165 4.13 -18.93 -1.40
CA ARG A 165 4.37 -17.94 -2.49
C ARG A 165 3.06 -17.38 -3.05
N ALA A 166 2.15 -18.29 -3.33
CA ALA A 166 0.80 -17.94 -3.80
C ALA A 166 0.03 -17.06 -2.81
N ALA A 167 0.11 -17.38 -1.51
CA ALA A 167 -0.57 -16.63 -0.48
C ALA A 167 -0.02 -15.20 -0.31
N ILE A 168 1.29 -15.08 -0.31
CA ILE A 168 1.90 -13.78 -0.28
C ILE A 168 1.42 -12.93 -1.45
N LEU A 169 1.42 -13.54 -2.62
CA LEU A 169 0.95 -12.84 -3.81
C LEU A 169 -0.51 -12.47 -3.76
N MET A 170 -1.34 -13.28 -3.11
CA MET A 170 -2.78 -12.93 -2.98
C MET A 170 -2.91 -11.62 -2.24
N ARG A 171 -2.28 -11.53 -1.08
CA ARG A 171 -2.43 -10.37 -0.25
C ARG A 171 -1.83 -9.13 -0.93
N SER A 172 -0.70 -9.28 -1.59
CA SER A 172 -0.05 -8.13 -2.20
CA SER A 172 -0.03 -8.15 -2.24
C SER A 172 -0.81 -7.65 -3.43
N PHE A 173 -1.31 -8.59 -4.21
CA PHE A 173 -2.05 -8.25 -5.41
C PHE A 173 -3.32 -7.44 -5.04
N ILE A 174 -4.04 -7.93 -4.03
CA ILE A 174 -5.30 -7.34 -3.61
C ILE A 174 -5.10 -6.05 -2.84
N SER A 175 -4.12 -6.02 -1.92
CA SER A 175 -3.84 -4.80 -1.18
C SER A 175 -3.28 -3.73 -2.07
N GLY A 176 -2.44 -4.10 -3.06
CA GLY A 176 -1.95 -3.09 -3.99
C GLY A 176 -3.00 -2.38 -4.85
N LEU A 177 -3.93 -3.18 -5.37
CA LEU A 177 -5.03 -2.66 -6.09
C LEU A 177 -5.86 -1.69 -5.21
N MET A 178 -6.18 -2.08 -3.97
CA MET A 178 -6.92 -1.22 -3.07
C MET A 178 -6.17 0.08 -2.81
N GLU A 179 -4.90 -0.05 -2.43
CA GLU A 179 -4.10 1.12 -2.09
C GLU A 179 -3.92 2.07 -3.27
N ASN A 180 -3.62 1.55 -4.45
CA ASN A 180 -3.37 2.37 -5.60
C ASN A 180 -4.69 3.09 -5.96
N TRP A 181 -5.78 2.36 -5.94
CA TRP A 181 -7.07 2.97 -6.30
C TRP A 181 -7.43 4.10 -5.32
N LEU A 182 -7.27 3.84 -4.01
CA LEU A 182 -7.63 4.85 -3.01
C LEU A 182 -6.75 6.06 -3.12
N PHE A 183 -5.53 5.85 -3.54
CA PHE A 183 -4.58 6.95 -3.72
C PHE A 183 -4.94 7.86 -4.88
N ALA A 184 -5.55 7.27 -5.91
CA ALA A 184 -5.83 7.94 -7.16
C ALA A 184 -7.10 7.35 -7.79
N PRO A 185 -8.27 7.61 -7.21
CA PRO A 185 -9.52 6.89 -7.60
C PRO A 185 -10.08 7.18 -8.98
N GLN A 186 -9.55 8.20 -9.64
CA GLN A 186 -9.93 8.49 -11.03
C GLN A 186 -8.97 7.84 -12.01
N SER A 187 -7.91 7.22 -11.51
CA SER A 187 -6.92 6.70 -12.41
C SER A 187 -7.34 5.34 -13.06
N PHE A 188 -8.20 4.58 -12.39
CA PHE A 188 -8.81 3.38 -12.98
C PHE A 188 -10.11 3.05 -12.29
N ASP A 189 -10.91 2.20 -12.89
CA ASP A 189 -12.20 1.88 -12.37
C ASP A 189 -12.15 0.52 -11.64
N LEU A 190 -11.81 0.55 -10.38
CA LEU A 190 -11.58 -0.68 -9.64
C LEU A 190 -12.89 -1.48 -9.52
N LYS A 191 -13.98 -0.77 -9.30
CA LYS A 191 -15.29 -1.49 -9.17
C LYS A 191 -15.59 -2.30 -10.44
N LYS A 192 -15.42 -1.68 -11.61
CA LYS A 192 -15.71 -2.36 -12.86
C LYS A 192 -14.76 -3.50 -13.12
N GLU A 193 -13.46 -3.29 -12.82
CA GLU A 193 -12.41 -4.21 -13.22
C GLU A 193 -12.13 -5.31 -12.17
N ALA A 194 -12.74 -5.21 -11.00
CA ALA A 194 -12.41 -6.10 -9.89
C ALA A 194 -12.51 -7.59 -10.28
N ARG A 195 -13.63 -7.94 -10.91
CA ARG A 195 -13.85 -9.33 -11.28
C ARG A 195 -12.79 -9.86 -12.27
N ALA A 196 -12.45 -9.05 -13.27
CA ALA A 196 -11.33 -9.34 -14.20
C ALA A 196 -9.99 -9.55 -13.42
N TYR A 197 -9.69 -8.62 -12.50
CA TYR A 197 -8.44 -8.72 -11.77
C TYR A 197 -8.37 -10.00 -10.92
N VAL A 198 -9.46 -10.35 -10.22
CA VAL A 198 -9.44 -11.55 -9.44
C VAL A 198 -9.34 -12.78 -10.32
N THR A 199 -10.07 -12.77 -11.43
CA THR A 199 -9.94 -13.85 -12.42
C THR A 199 -8.48 -14.04 -12.90
N ILE A 200 -7.80 -12.91 -13.16
CA ILE A 200 -6.38 -12.94 -13.58
C ILE A 200 -5.48 -13.59 -12.45
N LEU A 201 -5.71 -13.18 -11.20
CA LEU A 201 -5.01 -13.81 -10.06
C LEU A 201 -5.17 -15.36 -10.08
N LEU A 202 -6.41 -15.80 -10.25
CA LEU A 202 -6.67 -17.24 -10.19
C LEU A 202 -6.11 -17.96 -11.42
N GLU A 203 -6.14 -17.29 -12.59
CA GLU A 203 -5.44 -17.76 -13.81
C GLU A 203 -3.93 -17.92 -13.58
N MET A 204 -3.34 -16.95 -12.84
CA MET A 204 -1.93 -17.05 -12.45
CA MET A 204 -1.94 -17.05 -12.47
C MET A 204 -1.63 -18.35 -11.70
N TYR A 205 -2.46 -18.67 -10.71
CA TYR A 205 -2.24 -19.86 -9.93
C TYR A 205 -2.36 -21.08 -10.81
N GLN A 206 -3.23 -21.03 -11.83
CA GLN A 206 -3.44 -22.22 -12.65
CA GLN A 206 -3.49 -22.20 -12.69
C GLN A 206 -2.38 -22.39 -13.70
N LEU A 207 -1.77 -21.28 -14.14
CA LEU A 207 -0.96 -21.30 -15.35
C LEU A 207 0.50 -20.96 -15.18
N CYS A 208 0.89 -20.08 -14.26
CA CYS A 208 2.26 -19.56 -14.31
C CYS A 208 3.24 -20.60 -13.77
N PRO A 209 4.19 -21.04 -14.55
CA PRO A 209 5.11 -22.10 -14.09
C PRO A 209 5.97 -21.76 -12.86
N THR A 210 6.30 -20.47 -12.63
CA THR A 210 7.08 -20.12 -11.47
C THR A 210 6.27 -20.16 -10.18
N LEU A 211 4.96 -20.40 -10.28
CA LEU A 211 4.14 -20.71 -9.12
C LEU A 211 4.10 -22.19 -8.77
N ARG A 212 4.84 -23.03 -9.48
CA ARG A 212 4.84 -24.46 -9.17
CA ARG A 212 4.85 -24.48 -9.23
C ARG A 212 6.22 -24.96 -8.80
N ALA A 213 6.21 -25.99 -7.96
CA ALA A 213 7.45 -26.60 -7.44
C ALA A 213 8.27 -27.32 -8.54
N ALA B 5 33.30 29.45 4.58
CA ALA B 5 32.61 30.16 5.70
C ALA B 5 31.58 29.20 6.27
N ARG B 6 31.07 29.54 7.45
CA ARG B 6 29.90 28.86 8.06
C ARG B 6 28.74 28.78 7.07
N LYS B 7 28.51 29.90 6.39
CA LYS B 7 27.41 30.07 5.43
C LYS B 7 27.53 29.15 4.22
N THR B 8 28.74 29.10 3.62
CA THR B 8 29.04 28.23 2.49
C THR B 8 28.67 26.81 2.84
N LYS B 9 29.09 26.38 4.01
CA LYS B 9 28.86 25.01 4.43
C LYS B 9 27.39 24.75 4.77
N GLN B 10 26.74 25.68 5.47
CA GLN B 10 25.30 25.57 5.74
C GLN B 10 24.46 25.37 4.47
N GLN B 11 24.80 26.14 3.42
CA GLN B 11 24.13 26.09 2.12
C GLN B 11 24.60 24.98 1.14
N ALA B 12 25.65 24.23 1.53
CA ALA B 12 26.33 23.23 0.68
C ALA B 12 25.46 22.00 0.38
N LEU B 13 25.57 21.47 -0.83
CA LEU B 13 24.83 20.28 -1.26
CA LEU B 13 24.71 20.34 -1.22
C LEU B 13 24.86 19.11 -0.27
N GLU B 14 26.06 18.90 0.28
CA GLU B 14 26.39 17.85 1.24
C GLU B 14 25.59 18.03 2.53
N THR B 15 25.50 19.27 3.00
CA THR B 15 24.66 19.56 4.15
C THR B 15 23.18 19.28 3.82
N ARG B 16 22.72 19.74 2.65
CA ARG B 16 21.33 19.51 2.24
C ARG B 16 21.03 18.02 2.27
N GLN B 17 21.97 17.26 1.75
CA GLN B 17 21.76 15.81 1.66
C GLN B 17 21.81 15.13 3.04
N HIS B 18 22.69 15.55 3.91
CA HIS B 18 22.67 15.07 5.31
C HIS B 18 21.32 15.38 5.96
N ILE B 19 20.78 16.58 5.76
CA ILE B 19 19.47 16.95 6.24
C ILE B 19 18.41 15.98 5.71
N LEU B 20 18.45 15.72 4.38
CA LEU B 20 17.46 14.83 3.77
C LEU B 20 17.60 13.41 4.37
N ASP B 21 18.82 12.89 4.54
CA ASP B 21 19.04 11.50 5.08
C ASP B 21 18.58 11.41 6.57
N VAL B 22 18.88 12.43 7.35
CA VAL B 22 18.45 12.50 8.71
C VAL B 22 16.91 12.63 8.81
N ALA B 23 16.30 13.44 7.93
CA ALA B 23 14.84 13.51 7.87
C ALA B 23 14.22 12.15 7.60
N LEU B 24 14.79 11.41 6.67
CA LEU B 24 14.27 10.06 6.44
C LEU B 24 14.33 9.20 7.66
N ARG B 25 15.44 9.25 8.38
CA ARG B 25 15.58 8.41 9.57
CA ARG B 25 15.59 8.42 9.59
C ARG B 25 14.58 8.84 10.66
N LEU B 26 14.44 10.16 10.87
CA LEU B 26 13.47 10.70 11.81
CA LEU B 26 13.50 10.65 11.86
C LEU B 26 12.03 10.42 11.44
N PHE B 27 11.67 10.69 10.19
CA PHE B 27 10.30 10.46 9.76
C PHE B 27 9.95 9.00 9.88
N SER B 28 10.91 8.13 9.55
CA SER B 28 10.61 6.70 9.55
C SER B 28 10.37 6.18 10.97
N GLN B 29 10.97 6.81 11.97
CA GLN B 29 10.89 6.37 13.38
CA GLN B 29 10.82 6.32 13.36
C GLN B 29 9.69 7.04 14.11
N GLN B 30 9.51 8.33 13.87
CA GLN B 30 8.59 9.19 14.61
C GLN B 30 7.34 9.58 13.85
N GLY B 31 7.38 9.41 12.54
CA GLY B 31 6.28 9.90 11.67
C GLY B 31 6.48 11.32 11.22
N VAL B 32 5.89 11.68 10.08
CA VAL B 32 6.02 13.03 9.56
C VAL B 32 5.30 14.04 10.47
N SER B 33 4.12 13.70 10.98
CA SER B 33 3.31 14.71 11.68
C SER B 33 4.02 15.19 12.97
N ALA B 34 4.67 14.29 13.71
CA ALA B 34 5.40 14.59 14.96
C ALA B 34 6.74 15.25 14.81
N THR B 35 7.28 15.20 13.61
CA THR B 35 8.67 15.58 13.40
C THR B 35 8.72 16.97 12.88
N SER B 36 9.35 17.87 13.61
CA SER B 36 9.50 19.22 13.08
C SER B 36 10.81 19.43 12.33
N LEU B 37 10.83 20.46 11.49
CA LEU B 37 12.06 20.89 10.82
C LEU B 37 13.14 21.23 11.86
N ALA B 38 12.74 21.87 12.96
CA ALA B 38 13.71 22.13 14.05
C ALA B 38 14.36 20.88 14.60
N GLU B 39 13.56 19.81 14.79
CA GLU B 39 14.07 18.54 15.28
CA GLU B 39 14.16 18.60 15.32
C GLU B 39 15.07 18.00 14.26
N ILE B 40 14.68 18.09 12.98
CA ILE B 40 15.55 17.56 11.91
C ILE B 40 16.88 18.34 11.86
N ALA B 41 16.83 19.68 11.99
CA ALA B 41 18.03 20.47 12.10
C ALA B 41 18.94 20.03 13.24
N ASN B 42 18.36 19.87 14.43
CA ASN B 42 19.15 19.45 15.60
C ASN B 42 19.81 18.13 15.31
N ALA B 43 19.05 17.17 14.79
CA ALA B 43 19.59 15.85 14.52
C ALA B 43 20.66 15.87 13.45
N ALA B 44 20.52 16.78 12.48
CA ALA B 44 21.50 16.89 11.40
C ALA B 44 22.74 17.74 11.78
N GLY B 45 22.73 18.32 12.99
CA GLY B 45 23.76 19.21 13.44
C GLY B 45 23.85 20.51 12.72
N VAL B 46 22.70 21.05 12.33
CA VAL B 46 22.64 22.35 11.68
C VAL B 46 21.69 23.23 12.49
N THR B 47 21.83 24.54 12.33
CA THR B 47 20.96 25.47 13.00
C THR B 47 19.55 25.46 12.36
N ARG B 48 18.56 25.94 13.12
CA ARG B 48 17.22 26.07 12.59
C ARG B 48 17.28 27.05 11.41
N GLY B 49 18.07 28.10 11.54
CA GLY B 49 18.24 28.98 10.42
C GLY B 49 18.66 28.26 9.15
N ALA B 50 19.61 27.35 9.28
CA ALA B 50 20.08 26.60 8.13
C ALA B 50 19.03 25.69 7.53
N ILE B 51 18.30 24.94 8.32
CA ILE B 51 17.34 24.03 7.69
C ILE B 51 16.21 24.80 6.99
N TYR B 52 15.78 25.96 7.51
CA TYR B 52 14.67 26.68 6.91
C TYR B 52 15.13 27.42 5.67
N TRP B 53 16.44 27.63 5.54
CA TRP B 53 16.96 28.08 4.28
C TRP B 53 16.80 27.05 3.16
N HIS B 54 17.15 25.77 3.43
CA HIS B 54 16.98 24.70 2.46
C HIS B 54 15.52 24.35 2.18
N PHE B 55 14.68 24.30 3.21
CA PHE B 55 13.33 23.80 3.07
C PHE B 55 12.32 24.69 3.80
N LYS B 56 11.18 24.98 3.20
CA LYS B 56 10.15 25.88 3.81
CA LYS B 56 10.24 25.88 3.88
C LYS B 56 9.30 25.07 4.75
N ASN B 57 9.16 23.78 4.45
CA ASN B 57 8.31 22.96 5.24
C ASN B 57 8.63 21.50 5.01
N LYS B 58 8.04 20.63 5.82
CA LYS B 58 8.35 19.20 5.81
C LYS B 58 7.98 18.57 4.50
N SER B 59 6.88 19.04 3.89
CA SER B 59 6.39 18.45 2.65
CA SER B 59 6.37 18.46 2.63
C SER B 59 7.33 18.71 1.49
N ASP B 60 7.84 19.92 1.41
CA ASP B 60 8.83 20.26 0.40
C ASP B 60 10.05 19.35 0.59
N LEU B 61 10.43 19.14 1.85
CA LEU B 61 11.60 18.29 2.12
C LEU B 61 11.30 16.84 1.71
N PHE B 62 10.18 16.33 2.16
CA PHE B 62 9.81 14.96 1.79
C PHE B 62 9.65 14.78 0.29
N SER B 63 9.01 15.73 -0.37
CA SER B 63 8.82 15.69 -1.81
C SER B 63 10.15 15.60 -2.55
N GLU B 64 11.17 16.31 -2.06
CA GLU B 64 12.46 16.30 -2.70
C GLU B 64 13.13 14.92 -2.60
N ILE B 65 13.05 14.27 -1.44
CA ILE B 65 13.65 12.99 -1.35
CA ILE B 65 13.61 12.94 -1.31
C ILE B 65 12.85 11.97 -2.18
N TRP B 66 11.53 12.11 -2.22
CA TRP B 66 10.72 11.20 -3.01
C TRP B 66 11.15 11.28 -4.48
N GLU B 67 11.41 12.48 -4.97
CA GLU B 67 11.69 12.70 -6.37
C GLU B 67 13.09 12.29 -6.69
N LEU B 68 14.01 12.47 -5.74
CA LEU B 68 15.40 12.01 -5.95
CA LEU B 68 15.40 12.01 -5.91
C LEU B 68 15.46 10.49 -6.16
N SER B 69 14.68 9.74 -5.38
CA SER B 69 14.59 8.30 -5.58
CA SER B 69 14.59 8.28 -5.57
C SER B 69 13.95 7.90 -6.92
N GLU B 70 12.88 8.59 -7.29
CA GLU B 70 12.23 8.40 -8.59
C GLU B 70 13.19 8.67 -9.73
N SER B 71 14.03 9.69 -9.56
CA SER B 71 15.10 9.99 -10.52
C SER B 71 16.09 8.85 -10.66
N ASN B 72 16.49 8.25 -9.55
CA ASN B 72 17.45 7.13 -9.61
C ASN B 72 16.87 5.94 -10.38
N ILE B 73 15.55 5.75 -10.32
CA ILE B 73 14.91 4.69 -11.09
C ILE B 73 14.92 5.02 -12.57
N GLY B 74 14.59 6.25 -12.90
CA GLY B 74 14.71 6.72 -14.25
C GLY B 74 16.10 6.46 -14.81
N GLU B 75 17.12 6.66 -13.99
CA GLU B 75 18.51 6.43 -14.39
C GLU B 75 18.85 4.97 -14.65
N LEU B 76 18.37 4.10 -13.78
CA LEU B 76 18.44 2.69 -14.00
C LEU B 76 17.75 2.22 -15.28
N GLU B 77 16.58 2.77 -15.63
CA GLU B 77 15.94 2.43 -16.90
CA GLU B 77 15.95 2.38 -16.90
C GLU B 77 16.88 2.74 -18.05
N ILE B 78 17.47 3.92 -18.04
CA ILE B 78 18.38 4.27 -19.14
C ILE B 78 19.55 3.31 -19.20
N GLU B 79 20.07 2.92 -18.04
CA GLU B 79 21.23 2.05 -18.03
CA GLU B 79 21.21 2.03 -18.03
C GLU B 79 20.86 0.63 -18.50
N TYR B 80 19.69 0.16 -18.10
CA TYR B 80 19.24 -1.18 -18.52
C TYR B 80 18.92 -1.21 -20.01
N GLN B 81 18.30 -0.14 -20.54
CA GLN B 81 18.04 -0.05 -22.00
CA GLN B 81 18.03 0.00 -21.98
C GLN B 81 19.33 -0.22 -22.81
N ALA B 82 20.44 0.36 -22.35
CA ALA B 82 21.76 0.20 -23.04
C ALA B 82 22.38 -1.20 -22.86
N LYS B 83 22.05 -1.89 -21.76
CA LYS B 83 22.49 -3.28 -21.51
CA LYS B 83 22.50 -3.27 -21.53
C LYS B 83 21.70 -4.29 -22.36
N PHE B 84 20.42 -3.97 -22.62
CA PHE B 84 19.54 -4.88 -23.35
C PHE B 84 18.84 -4.15 -24.51
N PRO B 85 19.61 -3.60 -25.46
CA PRO B 85 18.99 -2.78 -26.47
C PRO B 85 18.03 -3.51 -27.42
N ASP B 86 18.19 -4.83 -27.54
CA ASP B 86 17.31 -5.66 -28.38
C ASP B 86 16.26 -6.49 -27.61
N ASP B 87 16.04 -6.13 -26.35
CA ASP B 87 15.29 -6.98 -25.42
C ASP B 87 14.57 -6.14 -24.35
N PRO B 88 13.47 -5.52 -24.74
CA PRO B 88 12.73 -4.65 -23.81
C PRO B 88 12.11 -5.41 -22.68
N LEU B 89 11.85 -6.70 -22.86
CA LEU B 89 11.23 -7.47 -21.80
C LEU B 89 12.25 -7.71 -20.64
N SER B 90 13.52 -7.93 -20.99
CA SER B 90 14.60 -8.00 -19.99
C SER B 90 14.87 -6.66 -19.28
N VAL B 91 14.79 -5.56 -20.02
CA VAL B 91 14.85 -4.24 -19.40
C VAL B 91 13.80 -4.14 -18.30
N LEU B 92 12.58 -4.40 -18.67
CA LEU B 92 11.50 -4.39 -17.72
C LEU B 92 11.74 -5.33 -16.52
N ARG B 93 12.07 -6.59 -16.78
CA ARG B 93 12.29 -7.53 -15.74
C ARG B 93 13.32 -6.97 -14.73
N GLU B 94 14.49 -6.58 -15.22
CA GLU B 94 15.57 -6.13 -14.34
C GLU B 94 15.24 -4.84 -13.55
N ILE B 95 14.52 -3.88 -14.16
CA ILE B 95 14.05 -2.71 -13.43
C ILE B 95 13.14 -3.10 -12.25
N LEU B 96 12.19 -3.96 -12.51
CA LEU B 96 11.30 -4.39 -11.48
C LEU B 96 11.97 -5.19 -10.37
N VAL B 97 12.85 -6.11 -10.75
CA VAL B 97 13.57 -6.86 -9.73
C VAL B 97 14.40 -5.89 -8.88
N HIS B 98 15.10 -4.93 -9.52
CA HIS B 98 15.86 -3.96 -8.82
C HIS B 98 15.00 -3.16 -7.78
N ILE B 99 13.87 -2.68 -8.22
CA ILE B 99 12.98 -1.91 -7.34
C ILE B 99 12.65 -2.72 -6.11
N LEU B 100 12.25 -3.99 -6.33
CA LEU B 100 11.86 -4.86 -5.21
C LEU B 100 13.01 -5.17 -4.27
N GLU B 101 14.14 -5.58 -4.85
CA GLU B 101 15.28 -5.89 -4.01
C GLU B 101 15.79 -4.66 -3.22
N ALA B 102 15.85 -3.51 -3.88
CA ALA B 102 16.36 -2.28 -3.27
C ALA B 102 15.47 -1.77 -2.13
N THR B 103 14.19 -2.09 -2.15
CA THR B 103 13.27 -1.83 -1.05
C THR B 103 13.75 -2.47 0.25
N VAL B 104 14.39 -3.63 0.15
CA VAL B 104 14.92 -4.33 1.31
C VAL B 104 16.34 -3.80 1.57
N THR B 105 17.16 -3.76 0.55
CA THR B 105 18.61 -3.63 0.76
C THR B 105 19.17 -2.20 0.86
N GLU B 106 18.53 -1.20 0.18
CA GLU B 106 19.01 0.17 0.15
C GLU B 106 18.31 1.04 1.17
N GLU B 107 19.09 1.69 2.03
CA GLU B 107 18.51 2.43 3.15
C GLU B 107 17.60 3.52 2.66
N ARG B 108 18.06 4.28 1.67
CA ARG B 108 17.26 5.41 1.23
C ARG B 108 15.88 4.94 0.70
N ARG B 109 15.88 3.92 -0.15
CA ARG B 109 14.65 3.39 -0.72
CA ARG B 109 14.63 3.41 -0.73
C ARG B 109 13.76 2.78 0.36
N ARG B 110 14.35 1.93 1.22
CA ARG B 110 13.58 1.30 2.28
CA ARG B 110 13.58 1.30 2.28
C ARG B 110 12.88 2.31 3.16
N LEU B 111 13.61 3.31 3.61
CA LEU B 111 13.01 4.29 4.50
C LEU B 111 11.97 5.14 3.76
N LEU B 112 12.31 5.63 2.56
CA LEU B 112 11.35 6.41 1.77
C LEU B 112 10.01 5.65 1.61
N MET B 113 10.08 4.38 1.26
CA MET B 113 8.86 3.60 0.99
CA MET B 113 8.86 3.63 0.97
C MET B 113 8.13 3.39 2.30
N GLU B 114 8.90 3.14 3.37
CA GLU B 114 8.26 2.94 4.64
C GLU B 114 7.47 4.19 5.04
N ILE B 115 8.02 5.37 4.74
CA ILE B 115 7.35 6.63 5.10
CA ILE B 115 7.34 6.62 5.11
C ILE B 115 6.11 6.80 4.22
N ILE B 116 6.28 6.66 2.92
CA ILE B 116 5.17 6.79 1.98
C ILE B 116 4.01 5.94 2.39
N PHE B 117 4.28 4.68 2.76
CA PHE B 117 3.21 3.77 3.10
C PHE B 117 2.66 3.86 4.51
N HIS B 118 3.56 4.09 5.49
CA HIS B 118 3.22 3.86 6.87
C HIS B 118 3.48 4.99 7.86
N LYS B 119 4.13 6.06 7.41
CA LYS B 119 4.57 7.07 8.33
C LYS B 119 4.28 8.50 7.93
N CYS B 120 3.33 8.69 7.00
N CYS B 120 3.38 8.70 6.99
CA CYS B 120 2.92 10.02 6.50
CA CYS B 120 2.84 9.99 6.83
C CYS B 120 1.42 10.12 6.12
C CYS B 120 1.35 9.84 6.67
N GLU B 121 0.71 10.99 6.83
CA GLU B 121 -0.69 11.18 6.55
C GLU B 121 -0.79 12.18 5.41
N PHE B 122 -1.58 11.85 4.39
CA PHE B 122 -1.77 12.70 3.22
C PHE B 122 -2.88 13.73 3.45
N VAL B 123 -2.53 14.69 4.29
CA VAL B 123 -3.36 15.76 4.70
C VAL B 123 -2.56 17.04 4.85
N GLY B 124 -3.24 18.17 4.95
CA GLY B 124 -2.55 19.46 5.04
C GLY B 124 -1.64 19.67 3.85
N GLU B 125 -0.43 20.13 4.14
CA GLU B 125 0.57 20.42 3.15
C GLU B 125 0.90 19.16 2.31
N MET B 126 0.75 17.96 2.91
CA MET B 126 0.98 16.71 2.17
CA MET B 126 1.03 16.74 2.15
C MET B 126 0.02 16.47 1.04
N VAL B 127 -1.10 17.19 0.98
CA VAL B 127 -2.02 16.96 -0.15
C VAL B 127 -1.34 17.45 -1.45
N VAL B 128 -0.64 18.57 -1.41
CA VAL B 128 0.07 18.99 -2.65
C VAL B 128 1.11 17.92 -3.12
N VAL B 129 1.78 17.22 -2.19
CA VAL B 129 2.71 16.12 -2.54
C VAL B 129 1.96 14.98 -3.22
N GLN B 130 0.82 14.63 -2.66
CA GLN B 130 -0.08 13.62 -3.27
C GLN B 130 -0.52 14.03 -4.65
N GLN B 131 -0.89 15.30 -4.82
CA GLN B 131 -1.26 15.77 -6.16
C GLN B 131 -0.10 15.61 -7.16
N ALA B 132 1.11 16.02 -6.80
CA ALA B 132 2.28 15.89 -7.70
C ALA B 132 2.53 14.44 -8.07
N GLN B 133 2.44 13.58 -7.06
CA GLN B 133 2.67 12.15 -7.24
C GLN B 133 1.57 11.48 -8.04
N ARG B 134 0.35 11.94 -7.90
CA ARG B 134 -0.74 11.45 -8.75
C ARG B 134 -0.43 11.74 -10.20
N SER B 135 0.10 12.94 -10.51
CA SER B 135 0.45 13.21 -11.90
C SER B 135 1.59 12.31 -12.40
N LEU B 136 2.58 12.05 -11.55
CA LEU B 136 3.68 11.18 -11.91
C LEU B 136 3.16 9.74 -12.14
N CYS B 137 2.19 9.33 -11.33
CA CYS B 137 1.60 8.02 -11.51
CA CYS B 137 1.51 8.01 -11.47
C CYS B 137 0.88 7.89 -12.86
N LEU B 138 0.16 8.94 -13.28
CA LEU B 138 -0.49 8.88 -14.60
C LEU B 138 0.54 8.74 -15.70
N GLU B 139 1.64 9.48 -15.56
CA GLU B 139 2.75 9.38 -16.51
C GLU B 139 3.32 7.95 -16.51
N SER B 140 3.54 7.39 -15.31
CA SER B 140 4.09 6.06 -15.18
CA SER B 140 4.10 6.04 -15.18
C SER B 140 3.23 5.01 -15.90
N TYR B 141 1.91 5.08 -15.72
CA TYR B 141 1.04 4.14 -16.43
C TYR B 141 1.25 4.22 -17.96
N ASP B 142 1.35 5.43 -18.49
CA ASP B 142 1.63 5.57 -19.93
C ASP B 142 3.00 5.06 -20.35
N ARG B 143 4.01 5.26 -19.50
CA ARG B 143 5.35 4.68 -19.82
C ARG B 143 5.33 3.18 -19.77
N ILE B 144 4.64 2.60 -18.79
CA ILE B 144 4.51 1.17 -18.70
C ILE B 144 3.77 0.65 -19.94
N GLU B 145 2.66 1.31 -20.30
CA GLU B 145 1.94 0.87 -21.54
C GLU B 145 2.86 0.85 -22.79
N GLN B 146 3.65 1.91 -22.93
CA GLN B 146 4.60 2.03 -24.02
C GLN B 146 5.61 0.88 -23.98
N THR B 147 6.18 0.62 -22.81
CA THR B 147 7.16 -0.48 -22.67
C THR B 147 6.52 -1.82 -23.10
N LEU B 148 5.32 -2.06 -22.60
CA LEU B 148 4.57 -3.29 -22.97
C LEU B 148 4.34 -3.36 -24.45
N LYS B 149 3.85 -2.27 -25.05
CA LYS B 149 3.67 -2.27 -26.51
C LYS B 149 4.96 -2.52 -27.28
N HIS B 150 6.04 -1.98 -26.81
CA HIS B 150 7.35 -2.23 -27.46
C HIS B 150 7.76 -3.70 -27.35
N CYS B 151 7.41 -4.32 -26.22
CA CYS B 151 7.59 -5.73 -26.07
C CYS B 151 6.73 -6.51 -27.01
N ILE B 152 5.45 -6.12 -27.13
CA ILE B 152 4.55 -6.68 -28.13
C ILE B 152 5.15 -6.57 -29.57
N ASN B 153 5.65 -5.40 -29.91
CA ASN B 153 6.28 -5.13 -31.19
C ASN B 153 7.45 -6.04 -31.45
N ALA B 154 8.20 -6.35 -30.40
CA ALA B 154 9.35 -7.26 -30.50
C ALA B 154 8.90 -8.74 -30.48
N LYS B 155 7.59 -9.00 -30.37
CA LYS B 155 6.98 -10.33 -30.41
C LYS B 155 7.23 -11.09 -29.10
N MET B 156 7.56 -10.33 -28.06
CA MET B 156 7.91 -10.89 -26.77
C MET B 156 6.76 -11.02 -25.75
N LEU B 157 5.65 -10.36 -26.04
CA LEU B 157 4.39 -10.45 -25.31
C LEU B 157 3.27 -10.64 -26.30
N PRO B 158 2.12 -11.13 -25.84
CA PRO B 158 1.07 -11.46 -26.81
C PRO B 158 0.54 -10.25 -27.55
N GLU B 159 0.23 -10.46 -28.81
CA GLU B 159 -0.21 -9.41 -29.70
C GLU B 159 -1.48 -8.72 -29.19
N ASN B 160 -2.37 -9.48 -28.53
CA ASN B 160 -3.59 -8.93 -28.00
C ASN B 160 -3.58 -8.62 -26.51
N LEU B 161 -2.38 -8.51 -25.89
CA LEU B 161 -2.28 -8.10 -24.48
C LEU B 161 -3.02 -6.76 -24.26
N LEU B 162 -3.82 -6.72 -23.20
CA LEU B 162 -4.49 -5.48 -22.79
C LEU B 162 -3.55 -4.60 -22.01
N THR B 163 -2.97 -3.63 -22.69
CA THR B 163 -1.81 -2.94 -22.11
C THR B 163 -2.19 -2.10 -20.87
N ARG B 164 -3.36 -1.43 -20.90
CA ARG B 164 -3.72 -0.57 -19.77
C ARG B 164 -4.01 -1.40 -18.53
N ARG B 165 -4.81 -2.48 -18.68
CA ARG B 165 -5.08 -3.40 -17.61
C ARG B 165 -3.72 -3.97 -17.08
N ALA B 166 -2.82 -4.36 -17.99
CA ALA B 166 -1.53 -4.84 -17.65
C ALA B 166 -0.69 -3.78 -16.85
N ALA B 167 -0.81 -2.50 -17.23
CA ALA B 167 -0.09 -1.45 -16.55
C ALA B 167 -0.58 -1.24 -15.12
N ILE B 168 -1.90 -1.17 -14.99
CA ILE B 168 -2.48 -1.04 -13.68
C ILE B 168 -2.00 -2.16 -12.77
N LEU B 169 -2.08 -3.38 -13.28
CA LEU B 169 -1.60 -4.53 -12.51
C LEU B 169 -0.11 -4.50 -12.17
N MET B 170 0.75 -3.97 -13.06
CA MET B 170 2.14 -3.86 -12.75
C MET B 170 2.35 -3.02 -11.50
N ARG B 171 1.80 -1.82 -11.49
CA ARG B 171 1.99 -0.94 -10.37
CA ARG B 171 1.99 -0.94 -10.36
C ARG B 171 1.41 -1.53 -9.09
N SER B 172 0.24 -2.17 -9.16
CA SER B 172 -0.39 -2.70 -7.95
CA SER B 172 -0.40 -2.69 -7.95
C SER B 172 0.37 -3.90 -7.42
N PHE B 173 0.84 -4.74 -8.33
CA PHE B 173 1.60 -5.97 -7.94
C PHE B 173 2.86 -5.58 -7.20
N ILE B 174 3.59 -4.65 -7.77
CA ILE B 174 4.85 -4.21 -7.22
C ILE B 174 4.67 -3.35 -5.95
N SER B 175 3.73 -2.38 -5.94
CA SER B 175 3.48 -1.55 -4.76
C SER B 175 2.95 -2.41 -3.59
N GLY B 176 2.07 -3.36 -3.89
CA GLY B 176 1.53 -4.27 -2.85
C GLY B 176 2.64 -5.14 -2.19
N LEU B 177 3.58 -5.67 -2.97
CA LEU B 177 4.68 -6.42 -2.38
C LEU B 177 5.53 -5.53 -1.45
N MET B 178 5.88 -4.34 -1.95
CA MET B 178 6.66 -3.41 -1.18
CA MET B 178 6.66 -3.43 -1.17
C MET B 178 5.95 -3.06 0.11
N GLU B 179 4.68 -2.68 -0.03
CA GLU B 179 3.92 -2.20 1.15
C GLU B 179 3.76 -3.31 2.19
N ASN B 180 3.40 -4.52 1.73
CA ASN B 180 3.12 -5.66 2.58
C ASN B 180 4.42 -6.05 3.29
N TRP B 181 5.54 -6.06 2.56
CA TRP B 181 6.80 -6.44 3.19
C TRP B 181 7.16 -5.43 4.27
N LEU B 182 7.10 -4.16 3.93
CA LEU B 182 7.49 -3.08 4.88
C LEU B 182 6.60 -3.09 6.13
N PHE B 183 5.36 -3.49 5.94
CA PHE B 183 4.45 -3.63 7.09
C PHE B 183 4.81 -4.75 8.05
N ALA B 184 5.31 -5.84 7.47
CA ALA B 184 5.59 -7.09 8.19
C ALA B 184 6.87 -7.75 7.62
N PRO B 185 8.03 -7.11 7.81
CA PRO B 185 9.30 -7.58 7.15
C PRO B 185 9.80 -8.97 7.51
N GLN B 186 9.30 -9.55 8.60
CA GLN B 186 9.62 -10.94 8.91
C GLN B 186 8.65 -11.95 8.30
N SER B 187 7.63 -11.47 7.57
CA SER B 187 6.60 -12.37 7.12
C SER B 187 6.97 -13.11 5.82
N PHE B 188 7.87 -12.53 5.01
CA PHE B 188 8.43 -13.20 3.85
C PHE B 188 9.72 -12.48 3.46
N ASP B 189 10.55 -13.15 2.66
CA ASP B 189 11.87 -12.69 2.27
C ASP B 189 11.74 -12.01 0.88
N LEU B 190 11.41 -10.73 0.86
CA LEU B 190 11.17 -10.04 -0.44
C LEU B 190 12.46 -10.02 -1.28
N LYS B 191 13.62 -9.81 -0.62
CA LYS B 191 14.90 -9.77 -1.35
C LYS B 191 15.13 -11.06 -2.11
N LYS B 192 14.93 -12.17 -1.42
CA LYS B 192 15.16 -13.48 -2.03
C LYS B 192 14.17 -13.76 -3.14
N GLU B 193 12.91 -13.47 -2.88
CA GLU B 193 11.83 -13.87 -3.76
C GLU B 193 11.52 -12.89 -4.90
N ALA B 194 12.15 -11.72 -4.89
CA ALA B 194 11.82 -10.65 -5.86
C ALA B 194 11.86 -11.15 -7.29
N ARG B 195 12.93 -11.85 -7.62
CA ARG B 195 13.12 -12.31 -9.01
C ARG B 195 12.01 -13.30 -9.44
N ALA B 196 11.63 -14.22 -8.56
CA ALA B 196 10.48 -15.09 -8.79
C ALA B 196 9.17 -14.32 -8.97
N TYR B 197 8.94 -13.33 -8.09
CA TYR B 197 7.71 -12.56 -8.19
C TYR B 197 7.61 -11.81 -9.56
N VAL B 198 8.72 -11.14 -9.98
CA VAL B 198 8.69 -10.45 -11.23
C VAL B 198 8.50 -11.42 -12.41
N THR B 199 9.17 -12.58 -12.35
CA THR B 199 8.97 -13.61 -13.34
C THR B 199 7.53 -14.05 -13.44
N ILE B 200 6.91 -14.17 -12.28
CA ILE B 200 5.48 -14.56 -12.26
C ILE B 200 4.58 -13.47 -12.92
N LEU B 201 4.84 -12.22 -12.59
CA LEU B 201 4.17 -11.08 -13.26
C LEU B 201 4.30 -11.19 -14.79
N LEU B 202 5.50 -11.42 -15.28
CA LEU B 202 5.70 -11.50 -16.74
C LEU B 202 5.05 -12.75 -17.36
N GLU B 203 5.09 -13.89 -16.64
CA GLU B 203 4.37 -15.06 -17.01
C GLU B 203 2.85 -14.80 -17.12
N MET B 204 2.29 -13.99 -16.21
CA MET B 204 0.90 -13.60 -16.28
CA MET B 204 0.90 -13.57 -16.24
C MET B 204 0.59 -12.89 -17.57
N TYR B 205 1.45 -11.96 -18.00
CA TYR B 205 1.29 -11.29 -19.28
C TYR B 205 1.28 -12.25 -20.43
N GLN B 206 2.15 -13.26 -20.35
CA GLN B 206 2.31 -14.21 -21.44
C GLN B 206 1.14 -15.20 -21.48
N LEU B 207 0.58 -15.54 -20.32
CA LEU B 207 -0.29 -16.70 -20.24
C LEU B 207 -1.74 -16.43 -19.88
N CYS B 208 -2.02 -15.43 -19.03
CA CYS B 208 -3.40 -15.36 -18.51
C CYS B 208 -4.39 -14.85 -19.55
N PRO B 209 -5.40 -15.65 -19.91
CA PRO B 209 -6.33 -15.26 -20.94
C PRO B 209 -7.14 -14.01 -20.66
N THR B 210 -7.36 -13.66 -19.38
CA THR B 210 -8.14 -12.46 -19.11
C THR B 210 -7.34 -11.17 -19.25
N LEU B 211 -6.02 -11.30 -19.51
CA LEU B 211 -5.17 -10.15 -19.85
C LEU B 211 -5.18 -9.88 -21.36
N ARG B 212 -5.94 -10.67 -22.12
CA ARG B 212 -6.01 -10.49 -23.55
C ARG B 212 -7.36 -10.09 -24.05
N ALA B 213 -7.32 -9.28 -25.10
CA ALA B 213 -8.56 -8.80 -25.77
C ALA B 213 -9.36 -9.93 -26.38
N SER B 214 -10.68 -9.90 -26.18
CA SER B 214 -11.59 -10.91 -26.69
C SER B 214 -11.74 -10.66 -28.20
C1 PEG C . -6.52 -7.37 2.06
O1 PEG C . -5.52 -6.72 2.85
C2 PEG C . -5.89 -8.44 1.17
O2 PEG C . -6.74 -9.62 1.11
C3 PEG C . -6.16 -10.86 1.56
C4 PEG C . -6.77 -12.06 0.80
O4 PEG C . -7.81 -12.77 1.52
C1 EDO D . -21.22 7.20 30.38
O1 EDO D . -21.01 6.49 31.63
C2 EDO D . -20.89 8.66 30.61
O2 EDO D . -21.64 9.08 31.76
C1 PEG E . 7.38 0.45 -13.05
O1 PEG E . 8.76 0.52 -13.43
C2 PEG E . 7.30 1.08 -11.68
O2 PEG E . 6.38 0.37 -10.83
C3 PEG E . 6.72 0.76 -9.46
C4 PEG E . 5.55 0.64 -8.50
O4 PEG E . 5.77 1.51 -7.34
#